data_1MP9
#
_entry.id   1MP9
#
_cell.length_a   64.900
_cell.length_b   80.400
_cell.length_c   86.600
_cell.angle_alpha   90.00
_cell.angle_beta   90.00
_cell.angle_gamma   90.00
#
_symmetry.space_group_name_H-M   'P 21 21 2'
#
loop_
_entity.id
_entity.type
_entity.pdbx_description
1 polymer 'TATA-binding protein'
2 water water
#
_entity_poly.entity_id   1
_entity_poly.type   'polypeptide(L)'
_entity_poly.pdbx_seq_one_letter_code
;YIIPDEIPYKAVVNIENIVATVTLDQTLDLYAMERSVPNVEYDPDQFPGLIFRLESPKITSLIFKSGKMVVTGAKSTDEL
IKAVKRIIKTLKKYGMQLTGKPKIQIQNIVASANLHVIVNLDKAAFLLENNMYEPEQFPGLIYRMDEPRVVLLIFSSGKM
VITGAKREDEVHKAVKKIFDKLVELDCVKPVEEEELEF
;
_entity_poly.pdbx_strand_id   A,B
#
# COMPACT_ATOMS: atom_id res chain seq x y z
N ASP A 5 -7.27 0.47 32.25
CA ASP A 5 -6.98 -0.97 31.93
C ASP A 5 -6.14 -1.15 30.65
N GLU A 6 -5.29 -2.17 30.62
CA GLU A 6 -4.44 -2.39 29.47
C GLU A 6 -5.10 -3.21 28.38
N ILE A 7 -4.92 -2.80 27.14
CA ILE A 7 -5.50 -3.51 26.02
C ILE A 7 -4.63 -4.69 25.71
N PRO A 8 -5.17 -5.91 25.88
CA PRO A 8 -4.38 -7.10 25.60
C PRO A 8 -4.17 -7.32 24.11
N TYR A 9 -3.07 -7.97 23.77
CA TYR A 9 -2.74 -8.29 22.40
C TYR A 9 -3.56 -9.54 22.05
N LYS A 10 -4.47 -9.42 21.09
CA LYS A 10 -5.31 -10.55 20.70
C LYS A 10 -5.31 -10.69 19.18
N ALA A 11 -4.31 -10.11 18.53
CA ALA A 11 -4.26 -10.17 17.07
C ALA A 11 -3.99 -11.57 16.57
N VAL A 12 -4.69 -11.94 15.50
CA VAL A 12 -4.57 -13.25 14.88
C VAL A 12 -4.09 -13.04 13.44
N VAL A 13 -3.01 -13.74 13.10
CA VAL A 13 -2.40 -13.64 11.79
C VAL A 13 -2.75 -14.86 10.95
N ASN A 14 -3.09 -14.65 9.68
CA ASN A 14 -3.40 -15.73 8.76
C ASN A 14 -2.61 -15.53 7.47
N ILE A 15 -1.89 -16.55 7.00
CA ILE A 15 -1.16 -16.44 5.74
C ILE A 15 -2.15 -16.73 4.62
N GLU A 16 -2.29 -15.77 3.72
CA GLU A 16 -3.23 -15.91 2.60
C GLU A 16 -2.53 -16.50 1.38
N ASN A 17 -1.26 -16.17 1.17
CA ASN A 17 -0.57 -16.66 0.00
C ASN A 17 0.92 -16.45 0.09
N ILE A 18 1.66 -17.34 -0.54
CA ILE A 18 3.10 -17.22 -0.57
C ILE A 18 3.51 -17.27 -2.04
N VAL A 19 4.39 -16.37 -2.45
CA VAL A 19 4.88 -16.42 -3.83
C VAL A 19 6.35 -16.77 -3.67
N ALA A 20 6.78 -17.85 -4.31
CA ALA A 20 8.18 -18.25 -4.21
C ALA A 20 8.76 -18.60 -5.58
N THR A 21 10.08 -18.64 -5.63
CA THR A 21 10.84 -18.94 -6.82
C THR A 21 11.61 -20.24 -6.65
N VAL A 22 11.66 -21.06 -7.69
CA VAL A 22 12.41 -22.30 -7.66
C VAL A 22 13.27 -22.28 -8.89
N THR A 23 14.59 -22.27 -8.70
CA THR A 23 15.50 -22.23 -9.83
C THR A 23 15.86 -23.64 -10.24
N LEU A 24 15.57 -23.98 -11.50
CA LEU A 24 15.88 -25.32 -11.98
C LEU A 24 17.24 -25.36 -12.67
N ASP A 25 17.97 -24.26 -12.56
CA ASP A 25 19.32 -24.12 -13.12
C ASP A 25 19.53 -24.88 -14.44
N GLN A 26 18.85 -24.40 -15.49
CA GLN A 26 18.92 -24.97 -16.85
C GLN A 26 17.90 -24.28 -17.74
N THR A 27 18.22 -24.16 -19.02
CA THR A 27 17.33 -23.54 -19.99
C THR A 27 16.30 -24.60 -20.37
N LEU A 28 15.07 -24.16 -20.61
CA LEU A 28 14.00 -25.09 -20.92
C LEU A 28 13.27 -24.73 -22.19
N ASP A 29 12.90 -25.76 -22.94
CA ASP A 29 12.16 -25.58 -24.18
C ASP A 29 10.70 -25.77 -23.76
N LEU A 30 10.00 -24.66 -23.61
CA LEU A 30 8.60 -24.69 -23.18
C LEU A 30 7.65 -25.30 -24.20
N TYR A 31 7.96 -25.17 -25.50
CA TYR A 31 7.11 -25.80 -26.50
C TYR A 31 7.15 -27.30 -26.26
N ALA A 32 8.36 -27.80 -26.10
CA ALA A 32 8.57 -29.24 -25.86
C ALA A 32 7.89 -29.67 -24.56
N MET A 33 8.01 -28.84 -23.52
CA MET A 33 7.41 -29.20 -22.24
C MET A 33 5.89 -29.24 -22.31
N GLU A 34 5.29 -28.26 -22.99
CA GLU A 34 3.82 -28.24 -23.13
C GLU A 34 3.33 -29.51 -23.81
N ARG A 35 4.04 -29.93 -24.84
CA ARG A 35 3.66 -31.15 -25.56
C ARG A 35 3.90 -32.39 -24.70
N SER A 36 4.99 -32.39 -23.94
CA SER A 36 5.30 -33.54 -23.10
C SER A 36 4.43 -33.70 -21.87
N VAL A 37 4.19 -32.60 -21.16
CA VAL A 37 3.38 -32.63 -19.95
C VAL A 37 1.91 -32.39 -20.28
N PRO A 38 1.05 -33.27 -19.83
CA PRO A 38 -0.38 -33.12 -20.11
C PRO A 38 -1.03 -31.95 -19.37
N ASN A 39 -2.05 -31.40 -20.00
CA ASN A 39 -2.85 -30.32 -19.45
C ASN A 39 -2.13 -29.09 -18.90
N VAL A 40 -1.11 -28.60 -19.59
CA VAL A 40 -0.45 -27.38 -19.14
C VAL A 40 -0.69 -26.39 -20.27
N GLU A 41 -0.40 -25.12 -20.03
CA GLU A 41 -0.63 -24.13 -21.05
C GLU A 41 0.62 -23.32 -21.38
N TYR A 42 0.84 -23.10 -22.68
CA TYR A 42 1.98 -22.32 -23.13
C TYR A 42 1.66 -21.61 -24.42
N ASP A 43 1.49 -20.29 -24.34
CA ASP A 43 1.21 -19.50 -25.53
C ASP A 43 2.07 -18.27 -25.37
N PRO A 44 3.27 -18.29 -25.94
CA PRO A 44 4.16 -17.15 -25.79
C PRO A 44 3.61 -15.85 -26.36
N ASP A 45 2.53 -15.90 -27.13
CA ASP A 45 1.96 -14.63 -27.63
C ASP A 45 1.14 -13.96 -26.52
N GLN A 46 0.79 -14.72 -25.48
CA GLN A 46 -0.01 -14.18 -24.37
C GLN A 46 0.75 -14.02 -23.06
N PHE A 47 1.64 -14.98 -22.75
CA PHE A 47 2.42 -14.94 -21.53
C PHE A 47 3.69 -15.73 -21.78
N PRO A 48 4.86 -15.20 -21.34
CA PRO A 48 6.17 -15.84 -21.55
C PRO A 48 6.42 -17.17 -20.87
N GLY A 49 5.61 -17.49 -19.87
CA GLY A 49 5.83 -18.75 -19.17
C GLY A 49 4.80 -19.82 -19.41
N LEU A 50 5.21 -21.07 -19.16
CA LEU A 50 4.34 -22.23 -19.26
C LEU A 50 3.59 -22.24 -17.91
N ILE A 51 2.27 -22.44 -17.98
CA ILE A 51 1.42 -22.44 -16.78
C ILE A 51 1.07 -23.86 -16.38
N PHE A 52 1.53 -24.26 -15.20
CA PHE A 52 1.32 -25.60 -14.67
C PHE A 52 0.40 -25.44 -13.46
N ARG A 53 -0.80 -26.00 -13.52
CA ARG A 53 -1.73 -25.86 -12.41
C ARG A 53 -1.91 -27.16 -11.67
N LEU A 54 -1.87 -27.07 -10.34
CA LEU A 54 -2.09 -28.25 -9.51
C LEU A 54 -3.44 -28.02 -8.84
N GLU A 55 -4.15 -29.11 -8.59
CA GLU A 55 -5.43 -28.99 -7.94
C GLU A 55 -5.32 -29.54 -6.54
N SER A 56 -6.10 -28.97 -5.63
CA SER A 56 -6.11 -29.40 -4.23
C SER A 56 -4.77 -29.95 -3.72
N PRO A 57 -3.95 -29.09 -3.11
CA PRO A 57 -4.29 -27.68 -2.92
C PRO A 57 -4.15 -26.93 -4.25
N LYS A 58 -4.87 -25.82 -4.37
CA LYS A 58 -4.84 -25.02 -5.57
C LYS A 58 -3.48 -24.32 -5.63
N ILE A 59 -2.66 -24.72 -6.59
CA ILE A 59 -1.35 -24.12 -6.75
C ILE A 59 -1.08 -23.83 -8.21
N THR A 60 -0.44 -22.71 -8.51
CA THR A 60 -0.10 -22.43 -9.89
C THR A 60 1.39 -22.27 -9.98
N SER A 61 1.96 -22.88 -11.01
CA SER A 61 3.39 -22.78 -11.23
C SER A 61 3.59 -22.17 -12.60
N LEU A 62 4.41 -21.13 -12.68
CA LEU A 62 4.70 -20.49 -13.97
C LEU A 62 6.16 -20.86 -14.24
N ILE A 63 6.38 -21.53 -15.38
CA ILE A 63 7.71 -22.01 -15.73
C ILE A 63 8.31 -21.25 -16.91
N PHE A 64 9.44 -20.61 -16.66
CA PHE A 64 10.09 -19.83 -17.70
C PHE A 64 11.25 -20.53 -18.39
N LYS A 65 11.57 -20.08 -19.61
CA LYS A 65 12.67 -20.68 -20.39
C LYS A 65 13.98 -20.69 -19.63
N SER A 66 14.18 -19.71 -18.76
CA SER A 66 15.41 -19.64 -17.96
C SER A 66 15.50 -20.71 -16.91
N GLY A 67 14.43 -21.49 -16.73
CA GLY A 67 14.43 -22.53 -15.71
C GLY A 67 13.90 -22.00 -14.39
N LYS A 68 13.63 -20.71 -14.35
CA LYS A 68 13.10 -20.12 -13.14
C LYS A 68 11.65 -20.53 -13.07
N MET A 69 11.20 -20.96 -11.91
CA MET A 69 9.80 -21.33 -11.77
C MET A 69 9.19 -20.46 -10.64
N VAL A 70 8.03 -19.87 -10.90
CA VAL A 70 7.36 -19.10 -9.87
C VAL A 70 6.17 -19.95 -9.41
N VAL A 71 6.07 -20.18 -8.10
CA VAL A 71 4.99 -20.98 -7.53
C VAL A 71 4.14 -20.11 -6.62
N THR A 72 2.83 -20.13 -6.86
CA THR A 72 1.93 -19.30 -6.10
C THR A 72 0.73 -20.10 -5.61
N GLY A 73 0.17 -19.69 -4.47
CA GLY A 73 -0.99 -20.37 -3.92
C GLY A 73 -0.84 -21.04 -2.57
N ALA A 74 0.38 -21.46 -2.21
CA ALA A 74 0.59 -22.13 -0.92
C ALA A 74 0.35 -21.17 0.25
N LYS A 75 -0.19 -21.69 1.35
CA LYS A 75 -0.48 -20.85 2.52
C LYS A 75 0.41 -21.15 3.69
N SER A 76 1.39 -22.02 3.47
CA SER A 76 2.36 -22.38 4.51
C SER A 76 3.64 -22.91 3.87
N THR A 77 4.75 -22.90 4.61
CA THR A 77 6.00 -23.40 4.06
C THR A 77 5.86 -24.88 3.73
N ASP A 78 5.25 -25.65 4.63
CA ASP A 78 5.07 -27.08 4.36
C ASP A 78 4.28 -27.29 3.08
N GLU A 79 3.24 -26.49 2.91
CA GLU A 79 2.41 -26.58 1.72
C GLU A 79 3.24 -26.24 0.48
N LEU A 80 4.08 -25.21 0.60
CA LEU A 80 4.92 -24.79 -0.49
C LEU A 80 5.87 -25.91 -0.91
N ILE A 81 6.55 -26.50 0.07
CA ILE A 81 7.49 -27.59 -0.19
C ILE A 81 6.82 -28.78 -0.84
N LYS A 82 5.65 -29.16 -0.35
CA LYS A 82 4.98 -30.32 -0.93
C LYS A 82 4.59 -30.03 -2.36
N ALA A 83 4.13 -28.81 -2.60
CA ALA A 83 3.75 -28.42 -3.96
C ALA A 83 4.95 -28.46 -4.90
N VAL A 84 6.07 -27.92 -4.45
CA VAL A 84 7.25 -27.90 -5.31
C VAL A 84 7.69 -29.32 -5.65
N LYS A 85 7.73 -30.19 -4.65
CA LYS A 85 8.10 -31.58 -4.86
C LYS A 85 7.12 -32.22 -5.81
N ARG A 86 5.84 -31.92 -5.63
CA ARG A 86 4.84 -32.50 -6.51
C ARG A 86 5.10 -32.03 -7.94
N ILE A 87 5.36 -30.74 -8.11
CA ILE A 87 5.59 -30.20 -9.45
C ILE A 87 6.82 -30.85 -10.09
N ILE A 88 7.92 -30.84 -9.34
CA ILE A 88 9.17 -31.41 -9.85
C ILE A 88 9.02 -32.88 -10.22
N LYS A 89 8.30 -33.63 -9.40
CA LYS A 89 8.10 -35.06 -9.68
C LYS A 89 7.49 -35.21 -11.08
N THR A 90 6.44 -34.44 -11.35
CA THR A 90 5.77 -34.51 -12.65
C THR A 90 6.67 -34.10 -13.81
N LEU A 91 7.30 -32.94 -13.71
CA LEU A 91 8.19 -32.50 -14.77
C LEU A 91 9.18 -33.64 -15.05
N LYS A 92 9.61 -34.31 -13.99
CA LYS A 92 10.55 -35.42 -14.13
C LYS A 92 9.87 -36.57 -14.85
N LYS A 93 8.70 -37.00 -14.37
CA LYS A 93 7.97 -38.08 -14.98
C LYS A 93 7.81 -37.88 -16.48
N TYR A 94 7.85 -36.64 -16.93
CA TYR A 94 7.69 -36.40 -18.36
C TYR A 94 8.90 -35.87 -19.09
N GLY A 95 10.10 -36.07 -18.55
CA GLY A 95 11.25 -35.63 -19.33
C GLY A 95 12.40 -34.76 -18.88
N MET A 96 12.20 -33.84 -17.94
CA MET A 96 13.33 -33.00 -17.56
C MET A 96 14.20 -33.64 -16.51
N GLN A 97 15.48 -33.33 -16.55
CA GLN A 97 16.43 -33.88 -15.60
C GLN A 97 16.94 -32.76 -14.72
N LEU A 98 17.32 -33.11 -13.49
CA LEU A 98 17.85 -32.12 -12.55
C LEU A 98 19.27 -32.53 -12.16
N THR A 99 20.20 -31.59 -12.26
CA THR A 99 21.58 -31.90 -11.90
C THR A 99 21.73 -31.89 -10.39
N GLY A 100 21.13 -30.89 -9.75
CA GLY A 100 21.21 -30.79 -8.31
C GLY A 100 19.90 -30.39 -7.68
N LYS A 101 19.89 -30.26 -6.34
CA LYS A 101 18.69 -29.88 -5.62
C LYS A 101 18.31 -28.43 -5.91
N PRO A 102 17.09 -28.20 -6.39
CA PRO A 102 16.64 -26.83 -6.69
C PRO A 102 16.42 -26.08 -5.38
N LYS A 103 16.79 -24.82 -5.34
CA LYS A 103 16.58 -24.06 -4.13
C LYS A 103 15.26 -23.30 -4.26
N ILE A 104 14.60 -23.08 -3.14
CA ILE A 104 13.33 -22.40 -3.09
C ILE A 104 13.50 -21.08 -2.35
N GLN A 105 13.18 -19.96 -3.00
CA GLN A 105 13.29 -18.69 -2.33
C GLN A 105 11.94 -17.97 -2.26
N ILE A 106 11.56 -17.57 -1.06
CA ILE A 106 10.30 -16.85 -0.93
C ILE A 106 10.47 -15.43 -1.43
N GLN A 107 9.58 -15.05 -2.34
CA GLN A 107 9.57 -13.71 -2.92
C GLN A 107 8.63 -12.78 -2.16
N ASN A 108 7.47 -13.28 -1.74
CA ASN A 108 6.55 -12.42 -1.00
C ASN A 108 5.55 -13.28 -0.25
N ILE A 109 5.10 -12.76 0.88
CA ILE A 109 4.10 -13.45 1.67
C ILE A 109 2.97 -12.45 1.83
N VAL A 110 1.74 -12.86 1.55
CA VAL A 110 0.63 -11.93 1.77
C VAL A 110 -0.13 -12.54 2.93
N ALA A 111 -0.39 -11.76 3.96
CA ALA A 111 -1.13 -12.29 5.11
C ALA A 111 -2.20 -11.34 5.49
N SER A 112 -3.15 -11.84 6.27
CA SER A 112 -4.18 -10.96 6.80
C SER A 112 -4.05 -11.06 8.32
N ALA A 113 -4.66 -10.11 9.02
CA ALA A 113 -4.67 -10.14 10.46
C ALA A 113 -5.94 -9.53 10.96
N ASN A 114 -6.31 -9.93 12.17
CA ASN A 114 -7.47 -9.38 12.85
C ASN A 114 -6.91 -8.86 14.16
N LEU A 115 -6.94 -7.54 14.35
CA LEU A 115 -6.42 -6.95 15.58
C LEU A 115 -7.44 -7.10 16.70
N HIS A 116 -8.71 -7.33 16.35
CA HIS A 116 -9.76 -7.50 17.36
C HIS A 116 -10.03 -6.28 18.22
N VAL A 117 -9.90 -5.12 17.59
CA VAL A 117 -10.18 -3.86 18.23
C VAL A 117 -10.60 -3.00 17.09
N ILE A 118 -11.33 -1.94 17.36
CA ILE A 118 -11.72 -1.00 16.33
C ILE A 118 -10.58 0.02 16.23
N VAL A 119 -10.25 0.43 15.00
CA VAL A 119 -9.17 1.40 14.81
C VAL A 119 -9.72 2.76 14.40
N ASN A 120 -9.31 3.81 15.09
CA ASN A 120 -9.78 5.13 14.69
C ASN A 120 -8.79 5.59 13.59
N LEU A 121 -9.16 5.42 12.33
CA LEU A 121 -8.29 5.78 11.22
C LEU A 121 -8.02 7.29 11.05
N ASP A 122 -9.08 8.09 11.26
CA ASP A 122 -8.98 9.56 11.17
C ASP A 122 -7.93 10.04 12.16
N LYS A 123 -7.95 9.46 13.37
CA LYS A 123 -7.00 9.86 14.40
C LYS A 123 -5.61 9.31 14.14
N ALA A 124 -5.53 8.03 13.76
CA ALA A 124 -4.25 7.41 13.47
C ALA A 124 -3.56 8.10 12.27
N ALA A 125 -4.35 8.51 11.29
CA ALA A 125 -3.81 9.14 10.09
C ALA A 125 -2.94 10.36 10.40
N PHE A 126 -3.27 11.10 11.45
CA PHE A 126 -2.47 12.27 11.77
C PHE A 126 -1.49 12.08 12.91
N LEU A 127 -1.44 10.90 13.53
CA LEU A 127 -0.48 10.71 14.60
C LEU A 127 0.61 9.70 14.22
N LEU A 128 0.33 8.88 13.20
CA LEU A 128 1.32 7.93 12.73
C LEU A 128 2.09 8.70 11.68
N GLU A 129 3.22 8.17 11.27
CA GLU A 129 3.98 8.78 10.20
C GLU A 129 3.59 8.03 8.93
N ASN A 130 4.38 8.25 7.87
CA ASN A 130 4.26 7.65 6.53
C ASN A 130 3.01 6.89 6.13
N ASN A 131 1.87 7.59 6.06
CA ASN A 131 0.66 6.88 5.69
C ASN A 131 -0.29 7.65 4.81
N MET A 132 -1.24 6.91 4.25
CA MET A 132 -2.29 7.49 3.46
C MET A 132 -3.66 7.11 4.07
N TYR A 133 -4.49 8.12 4.31
CA TYR A 133 -5.84 7.87 4.74
C TYR A 133 -6.71 8.84 3.98
N GLU A 134 -7.24 8.38 2.87
CA GLU A 134 -8.09 9.22 1.99
C GLU A 134 -9.29 8.31 1.72
N PRO A 135 -10.24 8.28 2.67
CA PRO A 135 -11.43 7.43 2.55
C PRO A 135 -12.23 7.46 1.26
N GLU A 136 -12.23 8.58 0.59
CA GLU A 136 -12.95 8.67 -0.68
C GLU A 136 -12.17 7.92 -1.77
N GLN A 137 -10.89 7.59 -1.53
CA GLN A 137 -10.12 6.85 -2.54
C GLN A 137 -9.88 5.39 -2.18
N PHE A 138 -9.65 5.12 -0.90
CA PHE A 138 -9.41 3.75 -0.44
C PHE A 138 -9.98 3.77 0.97
N PRO A 139 -10.79 2.76 1.33
CA PRO A 139 -11.38 2.76 2.68
C PRO A 139 -10.47 2.53 3.87
N GLY A 140 -9.26 2.06 3.64
CA GLY A 140 -8.39 1.85 4.78
C GLY A 140 -7.24 2.84 4.85
N LEU A 141 -6.36 2.64 5.82
CA LEU A 141 -5.16 3.45 6.03
C LEU A 141 -4.00 2.60 5.48
N ILE A 142 -3.15 3.19 4.65
CA ILE A 142 -2.04 2.43 4.12
C ILE A 142 -0.79 2.94 4.81
N TYR A 143 -0.04 2.00 5.36
CA TYR A 143 1.18 2.34 6.09
C TYR A 143 2.38 1.62 5.47
N ARG A 144 3.37 2.38 5.04
CA ARG A 144 4.57 1.81 4.44
C ARG A 144 5.57 1.71 5.60
N MET A 145 5.82 0.49 6.04
CA MET A 145 6.71 0.22 7.18
C MET A 145 8.11 -0.08 6.69
N ASP A 146 9.11 0.37 7.45
CA ASP A 146 10.51 0.16 7.06
C ASP A 146 11.09 -1.09 7.71
N GLU A 147 10.77 -1.34 8.98
CA GLU A 147 11.29 -2.53 9.63
C GLU A 147 10.18 -3.30 10.33
N PRO A 148 9.75 -4.44 9.77
CA PRO A 148 10.25 -5.01 8.51
C PRO A 148 9.76 -4.18 7.34
N ARG A 149 10.25 -4.48 6.14
CA ARG A 149 9.87 -3.74 4.95
C ARG A 149 8.57 -4.28 4.33
N VAL A 150 7.44 -3.79 4.84
CA VAL A 150 6.14 -4.28 4.38
C VAL A 150 5.19 -3.12 4.18
N VAL A 151 4.08 -3.41 3.53
CA VAL A 151 3.07 -2.38 3.35
C VAL A 151 1.85 -2.95 4.08
N LEU A 152 1.20 -2.11 4.87
CA LEU A 152 0.03 -2.52 5.61
C LEU A 152 -1.24 -1.84 5.15
N LEU A 153 -2.34 -2.59 5.05
CA LEU A 153 -3.66 -1.99 4.74
C LEU A 153 -4.35 -2.21 6.09
N ILE A 154 -4.85 -1.16 6.71
CA ILE A 154 -5.47 -1.25 8.06
C ILE A 154 -6.88 -0.68 7.98
N PHE A 155 -7.85 -1.50 8.36
CA PHE A 155 -9.23 -1.07 8.29
C PHE A 155 -9.77 -0.77 9.66
N SER A 156 -10.81 0.05 9.69
CA SER A 156 -11.37 0.48 10.96
C SER A 156 -11.86 -0.69 11.79
N SER A 157 -12.23 -1.80 11.15
CA SER A 157 -12.71 -2.98 11.84
C SER A 157 -11.59 -3.73 12.57
N GLY A 158 -10.33 -3.38 12.29
CA GLY A 158 -9.23 -4.08 12.91
C GLY A 158 -8.61 -5.08 11.96
N LYS A 159 -9.28 -5.29 10.83
CA LYS A 159 -8.76 -6.19 9.82
C LYS A 159 -7.57 -5.51 9.16
N MET A 160 -6.63 -6.32 8.71
CA MET A 160 -5.43 -5.78 8.10
C MET A 160 -4.94 -6.72 7.05
N VAL A 161 -4.20 -6.17 6.11
CA VAL A 161 -3.56 -6.97 5.09
C VAL A 161 -2.06 -6.61 5.21
N ILE A 162 -1.20 -7.60 5.19
CA ILE A 162 0.23 -7.33 5.30
C ILE A 162 0.94 -7.92 4.09
N THR A 163 1.69 -7.11 3.34
CA THR A 163 2.40 -7.65 2.19
C THR A 163 3.85 -7.14 2.14
N GLY A 164 4.74 -7.90 1.51
CA GLY A 164 6.12 -7.46 1.41
C GLY A 164 7.09 -8.33 2.19
N ALA A 165 6.60 -9.06 3.17
CA ALA A 165 7.47 -9.88 3.97
C ALA A 165 7.92 -11.12 3.24
N LYS A 166 9.10 -11.60 3.59
CA LYS A 166 9.62 -12.80 2.99
C LYS A 166 9.72 -13.91 4.03
N ARG A 167 9.46 -13.58 5.29
CA ARG A 167 9.52 -14.56 6.36
C ARG A 167 8.29 -14.42 7.25
N GLU A 168 7.78 -15.54 7.74
CA GLU A 168 6.61 -15.46 8.58
C GLU A 168 6.84 -14.63 9.86
N ASP A 169 8.03 -14.69 10.46
CA ASP A 169 8.21 -13.89 11.66
C ASP A 169 8.15 -12.39 11.39
N GLU A 170 8.53 -11.97 10.18
CA GLU A 170 8.44 -10.54 9.84
C GLU A 170 6.96 -10.14 9.82
N VAL A 171 6.12 -11.02 9.28
CA VAL A 171 4.69 -10.70 9.26
C VAL A 171 4.23 -10.45 10.69
N HIS A 172 4.54 -11.40 11.58
CA HIS A 172 4.12 -11.24 12.95
C HIS A 172 4.74 -10.05 13.65
N LYS A 173 5.97 -9.72 13.30
CA LYS A 173 6.58 -8.56 13.91
C LYS A 173 5.87 -7.27 13.48
N ALA A 174 5.54 -7.16 12.21
CA ALA A 174 4.87 -5.97 11.74
C ALA A 174 3.49 -5.78 12.41
N VAL A 175 2.74 -6.87 12.58
CA VAL A 175 1.40 -6.77 13.18
C VAL A 175 1.50 -6.29 14.63
N LYS A 176 2.32 -6.96 15.45
CA LYS A 176 2.49 -6.53 16.84
C LYS A 176 3.00 -5.08 16.91
N LYS A 177 3.88 -4.70 15.99
CA LYS A 177 4.42 -3.35 16.00
C LYS A 177 3.36 -2.26 15.77
N ILE A 178 2.54 -2.41 14.73
CA ILE A 178 1.55 -1.38 14.47
C ILE A 178 0.50 -1.41 15.54
N PHE A 179 0.22 -2.59 16.09
CA PHE A 179 -0.76 -2.69 17.17
C PHE A 179 -0.26 -1.88 18.36
N ASP A 180 0.97 -2.11 18.77
CA ASP A 180 1.56 -1.39 19.90
C ASP A 180 1.59 0.10 19.64
N LYS A 181 1.92 0.50 18.42
CA LYS A 181 1.95 1.93 18.15
C LYS A 181 0.51 2.49 18.19
N LEU A 182 -0.46 1.76 17.64
CA LEU A 182 -1.83 2.26 17.69
C LEU A 182 -2.32 2.39 19.14
N VAL A 183 -1.93 1.47 20.00
CA VAL A 183 -2.35 1.52 21.42
C VAL A 183 -1.65 2.72 22.06
N GLU A 184 -0.37 2.86 21.76
CA GLU A 184 0.41 3.97 22.31
C GLU A 184 -0.22 5.31 21.97
N LEU A 185 -0.65 5.48 20.72
CA LEU A 185 -1.27 6.72 20.26
C LEU A 185 -2.77 6.79 20.65
N ASP A 186 -3.24 5.82 21.40
CA ASP A 186 -4.65 5.79 21.82
C ASP A 186 -5.61 5.88 20.62
N CYS A 187 -5.39 5.00 19.66
CA CYS A 187 -6.19 4.94 18.45
C CYS A 187 -7.02 3.67 18.31
N VAL A 188 -7.14 2.87 19.36
CA VAL A 188 -7.93 1.66 19.27
C VAL A 188 -8.96 1.58 20.38
N LYS A 189 -10.06 0.91 20.09
CA LYS A 189 -11.14 0.73 21.07
C LYS A 189 -11.38 -0.78 21.07
N PRO A 190 -11.16 -1.43 22.23
CA PRO A 190 -11.34 -2.88 22.35
C PRO A 190 -12.82 -3.22 22.60
N VAL A 191 -13.65 -3.06 21.56
CA VAL A 191 -15.09 -3.29 21.69
C VAL A 191 -15.54 -4.69 22.04
N GLU A 192 -14.63 -5.66 21.93
CA GLU A 192 -15.03 -7.03 22.25
C GLU A 192 -14.92 -7.30 23.77
N GLU A 193 -14.45 -6.28 24.48
CA GLU A 193 -14.26 -6.38 25.92
C GLU A 193 -15.39 -5.57 26.59
N GLU A 194 -15.60 -5.84 27.89
CA GLU A 194 -16.64 -5.11 28.60
C GLU A 194 -16.19 -3.68 28.83
N GLU A 195 -17.15 -2.82 29.11
CA GLU A 195 -16.84 -1.41 29.29
C GLU A 195 -16.92 -0.89 30.71
N LEU A 196 -16.23 0.24 30.94
CA LEU A 196 -16.24 0.92 32.21
C LEU A 196 -17.67 1.37 32.50
N GLU A 197 -18.12 1.25 33.74
CA GLU A 197 -19.47 1.66 34.05
C GLU A 197 -19.47 2.91 34.91
N ILE B 3 0.88 -6.07 -37.31
CA ILE B 3 1.70 -5.04 -36.59
C ILE B 3 0.90 -4.26 -35.55
N PRO B 4 1.26 -4.43 -34.26
CA PRO B 4 0.62 -3.78 -33.12
C PRO B 4 0.62 -2.26 -33.17
N ASP B 5 -0.51 -1.66 -32.82
CA ASP B 5 -0.60 -0.21 -32.80
C ASP B 5 0.19 0.24 -31.58
N GLU B 6 0.69 1.47 -31.66
CA GLU B 6 1.44 2.05 -30.55
C GLU B 6 0.40 2.31 -29.47
N ILE B 7 0.82 2.31 -28.20
CA ILE B 7 -0.10 2.64 -27.12
C ILE B 7 0.48 3.90 -26.51
N PRO B 8 0.07 5.07 -27.02
CA PRO B 8 0.58 6.34 -26.51
C PRO B 8 0.15 6.63 -25.06
N TYR B 9 0.99 7.39 -24.37
CA TYR B 9 0.70 7.77 -23.01
C TYR B 9 -0.48 8.75 -23.04
N LYS B 10 -1.53 8.45 -22.27
CA LYS B 10 -2.70 9.30 -22.28
C LYS B 10 -3.28 9.46 -20.88
N ALA B 11 -2.48 9.10 -19.89
CA ALA B 11 -2.92 9.19 -18.49
C ALA B 11 -3.16 10.62 -18.02
N VAL B 12 -4.19 10.80 -17.19
CA VAL B 12 -4.55 12.10 -16.64
C VAL B 12 -4.45 11.93 -15.13
N VAL B 13 -3.68 12.82 -14.51
CA VAL B 13 -3.46 12.78 -13.08
C VAL B 13 -4.31 13.85 -12.41
N ASN B 14 -4.81 13.54 -11.22
CA ASN B 14 -5.59 14.48 -10.45
C ASN B 14 -5.11 14.45 -9.00
N ILE B 15 -4.84 15.62 -8.44
CA ILE B 15 -4.41 15.67 -7.03
C ILE B 15 -5.69 15.64 -6.19
N GLU B 16 -5.76 14.66 -5.29
CA GLU B 16 -6.92 14.47 -4.42
C GLU B 16 -6.76 15.16 -3.09
N ASN B 17 -5.54 15.21 -2.57
CA ASN B 17 -5.28 15.87 -1.28
C ASN B 17 -3.79 16.06 -1.05
N ILE B 18 -3.45 17.11 -0.32
CA ILE B 18 -2.08 17.36 0.02
C ILE B 18 -2.10 17.51 1.52
N VAL B 19 -1.09 16.96 2.19
CA VAL B 19 -0.97 17.10 3.63
C VAL B 19 0.32 17.86 3.80
N ALA B 20 0.27 18.97 4.54
CA ALA B 20 1.48 19.76 4.76
C ALA B 20 1.58 20.19 6.21
N THR B 21 2.79 20.56 6.62
CA THR B 21 2.99 21.05 7.97
C THR B 21 3.47 22.49 7.87
N VAL B 22 3.05 23.30 8.83
CA VAL B 22 3.44 24.68 8.87
C VAL B 22 4.00 24.89 10.25
N THR B 23 5.25 25.33 10.29
CA THR B 23 5.89 25.56 11.56
C THR B 23 5.69 27.00 12.01
N LEU B 24 4.87 27.19 13.02
CA LEU B 24 4.66 28.51 13.58
C LEU B 24 5.87 28.39 14.49
N ASP B 25 6.66 29.44 14.68
CA ASP B 25 7.80 29.23 15.53
C ASP B 25 7.52 29.68 16.95
N GLN B 26 6.82 28.84 17.71
CA GLN B 26 6.48 29.17 19.09
C GLN B 26 5.64 28.08 19.73
N THR B 27 5.77 27.96 21.04
CA THR B 27 4.98 26.99 21.77
C THR B 27 3.63 27.68 21.92
N LEU B 28 2.57 26.90 21.95
CA LEU B 28 1.25 27.48 22.02
C LEU B 28 0.43 26.87 23.14
N ASP B 29 -0.38 27.69 23.80
CA ASP B 29 -1.28 27.25 24.85
C ASP B 29 -2.59 27.03 24.10
N LEU B 30 -2.91 25.77 23.83
CA LEU B 30 -4.12 25.42 23.07
C LEU B 30 -5.40 25.71 23.84
N TYR B 31 -5.32 25.65 25.18
CA TYR B 31 -6.50 25.96 25.98
C TYR B 31 -6.87 27.43 25.72
N ALA B 32 -5.88 28.30 25.80
CA ALA B 32 -6.14 29.71 25.56
C ALA B 32 -6.60 29.92 24.11
N MET B 33 -5.95 29.26 23.15
CA MET B 33 -6.31 29.46 21.76
C MET B 33 -7.76 29.07 21.51
N GLU B 34 -8.20 27.98 22.13
CA GLU B 34 -9.56 27.52 21.95
C GLU B 34 -10.59 28.50 22.51
N ARG B 35 -10.27 29.14 23.62
CA ARG B 35 -11.19 30.11 24.20
C ARG B 35 -11.22 31.40 23.35
N SER B 36 -10.06 31.79 22.82
CA SER B 36 -9.98 33.01 22.02
C SER B 36 -10.55 32.91 20.60
N VAL B 37 -10.33 31.79 19.93
CA VAL B 37 -10.80 31.61 18.56
C VAL B 37 -12.16 30.92 18.51
N PRO B 38 -13.13 31.57 17.86
CA PRO B 38 -14.45 30.93 17.81
C PRO B 38 -14.51 29.67 16.96
N ASN B 39 -15.37 28.77 17.39
CA ASN B 39 -15.64 27.52 16.68
C ASN B 39 -14.50 26.56 16.40
N VAL B 40 -13.57 26.44 17.33
CA VAL B 40 -12.50 25.49 17.13
C VAL B 40 -12.67 24.44 18.22
N GLU B 41 -12.01 23.32 18.07
CA GLU B 41 -12.14 22.22 18.99
C GLU B 41 -10.81 21.81 19.63
N TYR B 42 -10.82 21.71 20.95
CA TYR B 42 -9.63 21.26 21.67
C TYR B 42 -10.07 20.45 22.85
N ASP B 43 -9.78 19.16 22.82
CA ASP B 43 -10.07 18.28 23.94
C ASP B 43 -8.88 17.33 23.99
N PRO B 44 -7.89 17.66 24.83
CA PRO B 44 -6.71 16.82 24.93
C PRO B 44 -6.95 15.42 25.38
N ASP B 45 -8.14 15.13 25.88
CA ASP B 45 -8.37 13.75 26.28
C ASP B 45 -8.63 12.92 25.02
N GLN B 46 -9.06 13.60 23.97
CA GLN B 46 -9.40 12.93 22.71
C GLN B 46 -8.35 13.00 21.60
N PHE B 47 -7.66 14.14 21.51
CA PHE B 47 -6.67 14.34 20.48
C PHE B 47 -5.75 15.45 20.99
N PRO B 48 -4.44 15.29 20.80
CA PRO B 48 -3.48 16.31 21.28
C PRO B 48 -3.47 17.68 20.61
N GLY B 49 -4.07 17.78 19.42
CA GLY B 49 -4.08 19.07 18.75
C GLY B 49 -5.43 19.77 18.76
N LEU B 50 -5.41 21.07 18.53
CA LEU B 50 -6.60 21.89 18.42
C LEU B 50 -7.00 21.76 16.93
N ILE B 51 -8.30 21.55 16.69
CA ILE B 51 -8.84 21.38 15.34
C ILE B 51 -9.51 22.67 14.85
N PHE B 52 -9.01 23.20 13.73
CA PHE B 52 -9.46 24.44 13.12
C PHE B 52 -9.96 24.10 11.72
N ARG B 53 -11.28 24.11 11.50
CA ARG B 53 -11.82 23.75 10.19
C ARG B 53 -12.29 24.89 9.34
N LEU B 54 -11.91 24.89 8.07
CA LEU B 54 -12.35 25.93 7.16
C LEU B 54 -13.38 25.33 6.21
N GLU B 55 -14.27 26.17 5.72
CA GLU B 55 -15.27 25.73 4.78
C GLU B 55 -15.01 26.50 3.50
N SER B 56 -15.37 25.90 2.37
CA SER B 56 -15.16 26.51 1.06
C SER B 56 -13.82 27.25 0.92
N PRO B 57 -12.74 26.51 0.61
CA PRO B 57 -12.79 25.07 0.41
C PRO B 57 -12.65 24.40 1.77
N LYS B 58 -13.05 23.13 1.85
CA LYS B 58 -12.97 22.39 3.10
C LYS B 58 -11.52 22.10 3.41
N ILE B 59 -11.01 22.74 4.46
CA ILE B 59 -9.64 22.53 4.89
C ILE B 59 -9.69 22.28 6.40
N THR B 60 -8.85 21.36 6.88
CA THR B 60 -8.77 21.11 8.31
C THR B 60 -7.34 21.38 8.73
N SER B 61 -7.19 22.10 9.83
CA SER B 61 -5.86 22.41 10.34
C SER B 61 -5.76 21.87 11.76
N LEU B 62 -4.70 21.12 12.02
CA LEU B 62 -4.48 20.55 13.35
C LEU B 62 -3.31 21.32 13.94
N ILE B 63 -3.54 21.93 15.08
CA ILE B 63 -2.55 22.78 15.72
C ILE B 63 -2.05 22.18 17.02
N PHE B 64 -0.76 21.90 17.05
CA PHE B 64 -0.17 21.29 18.24
C PHE B 64 0.59 22.30 19.13
N LYS B 65 0.79 21.93 20.40
CA LYS B 65 1.48 22.78 21.37
C LYS B 65 2.88 23.22 20.89
N SER B 66 3.55 22.37 20.13
CA SER B 66 4.88 22.67 19.61
C SER B 66 4.86 23.80 18.59
N GLY B 67 3.67 24.19 18.15
CA GLY B 67 3.55 25.24 17.16
C GLY B 67 3.45 24.61 15.78
N LYS B 68 3.58 23.29 15.73
CA LYS B 68 3.46 22.60 14.45
C LYS B 68 2.00 22.57 14.08
N MET B 69 1.73 22.92 12.84
CA MET B 69 0.36 22.89 12.35
C MET B 69 0.30 21.95 11.13
N VAL B 70 -0.61 20.96 11.14
CA VAL B 70 -0.78 20.08 9.99
C VAL B 70 -2.00 20.58 9.24
N VAL B 71 -1.88 20.83 7.93
CA VAL B 71 -3.00 21.32 7.13
C VAL B 71 -3.30 20.27 6.06
N THR B 72 -4.56 19.84 5.99
CA THR B 72 -5.00 18.83 5.05
C THR B 72 -6.25 19.31 4.34
N GLY B 73 -6.48 18.82 3.12
CA GLY B 73 -7.67 19.21 2.38
C GLY B 73 -7.42 19.88 1.05
N ALA B 74 -6.33 20.63 0.95
CA ALA B 74 -6.03 21.35 -0.30
C ALA B 74 -5.78 20.40 -1.47
N LYS B 75 -6.20 20.78 -2.68
CA LYS B 75 -5.97 19.93 -3.84
C LYS B 75 -4.95 20.53 -4.79
N SER B 76 -4.33 21.63 -4.40
CA SER B 76 -3.29 22.25 -5.21
C SER B 76 -2.37 23.10 -4.34
N THR B 77 -1.20 23.43 -4.86
CA THR B 77 -0.25 24.26 -4.13
C THR B 77 -0.86 25.63 -3.88
N ASP B 78 -1.57 26.17 -4.86
CA ASP B 78 -2.18 27.48 -4.68
C ASP B 78 -3.20 27.44 -3.59
N GLU B 79 -4.00 26.38 -3.60
CA GLU B 79 -5.03 26.17 -2.60
C GLU B 79 -4.44 26.11 -1.21
N LEU B 80 -3.36 25.34 -1.08
CA LEU B 80 -2.64 25.16 0.18
C LEU B 80 -2.23 26.53 0.72
N ILE B 81 -1.59 27.32 -0.13
CA ILE B 81 -1.13 28.64 0.27
C ILE B 81 -2.29 29.52 0.73
N LYS B 82 -3.37 29.57 -0.05
CA LYS B 82 -4.50 30.40 0.37
C LYS B 82 -5.07 29.95 1.69
N ALA B 83 -5.03 28.65 1.95
CA ALA B 83 -5.59 28.16 3.19
C ALA B 83 -4.74 28.56 4.37
N VAL B 84 -3.43 28.40 4.21
CA VAL B 84 -2.49 28.73 5.29
C VAL B 84 -2.58 30.21 5.62
N LYS B 85 -2.77 31.05 4.61
CA LYS B 85 -2.90 32.48 4.88
C LYS B 85 -4.20 32.78 5.62
N ARG B 86 -5.26 32.11 5.21
CA ARG B 86 -6.53 32.34 5.88
C ARG B 86 -6.45 31.91 7.36
N ILE B 87 -5.89 30.74 7.62
CA ILE B 87 -5.76 30.21 8.99
C ILE B 87 -4.91 31.17 9.84
N ILE B 88 -3.71 31.44 9.37
CA ILE B 88 -2.85 32.34 10.12
C ILE B 88 -3.54 33.68 10.33
N LYS B 89 -4.29 34.11 9.31
CA LYS B 89 -4.99 35.38 9.41
C LYS B 89 -5.91 35.42 10.61
N THR B 90 -6.76 34.41 10.77
CA THR B 90 -7.68 34.49 11.89
C THR B 90 -6.98 34.18 13.21
N LEU B 91 -5.90 33.39 13.18
CA LEU B 91 -5.17 33.14 14.42
C LEU B 91 -4.72 34.51 14.94
N LYS B 92 -4.24 35.36 14.02
CA LYS B 92 -3.80 36.71 14.40
C LYS B 92 -4.99 37.56 14.80
N LYS B 93 -6.03 37.55 13.98
CA LYS B 93 -7.23 38.31 14.32
C LYS B 93 -7.63 38.00 15.76
N TYR B 94 -7.23 36.84 16.28
CA TYR B 94 -7.57 36.52 17.65
C TYR B 94 -6.42 36.42 18.64
N GLY B 95 -5.35 37.17 18.40
CA GLY B 95 -4.28 37.17 19.37
C GLY B 95 -2.95 36.54 19.17
N MET B 96 -2.83 35.60 18.26
CA MET B 96 -1.53 34.96 18.06
C MET B 96 -0.54 35.95 17.45
N GLN B 97 0.62 36.08 18.08
CA GLN B 97 1.65 36.96 17.58
C GLN B 97 2.52 36.07 16.72
N LEU B 98 2.71 36.41 15.46
CA LEU B 98 3.52 35.56 14.59
C LEU B 98 4.93 36.11 14.36
N THR B 99 5.92 35.33 14.78
CA THR B 99 7.32 35.72 14.64
C THR B 99 7.62 36.10 13.21
N GLY B 100 8.26 35.19 12.49
CA GLY B 100 8.60 35.45 11.10
C GLY B 100 7.72 34.67 10.13
N LYS B 101 8.25 34.43 8.94
CA LYS B 101 7.51 33.71 7.92
C LYS B 101 7.52 32.23 8.32
N PRO B 102 6.33 31.62 8.43
CA PRO B 102 6.30 30.20 8.80
C PRO B 102 6.66 29.40 7.56
N LYS B 103 7.49 28.38 7.72
CA LYS B 103 7.84 27.56 6.57
C LYS B 103 6.78 26.49 6.37
N ILE B 104 6.53 26.15 5.13
CA ILE B 104 5.53 25.15 4.77
C ILE B 104 6.24 23.97 4.12
N GLN B 105 5.98 22.76 4.62
CA GLN B 105 6.57 21.55 4.08
C GLN B 105 5.52 20.51 3.68
N ILE B 106 5.53 20.08 2.42
CA ILE B 106 4.59 19.06 1.99
C ILE B 106 4.96 17.74 2.66
N GLN B 107 4.00 17.12 3.32
CA GLN B 107 4.28 15.82 3.92
C GLN B 107 3.85 14.65 3.00
N ASN B 108 2.76 14.81 2.26
CA ASN B 108 2.31 13.73 1.38
C ASN B 108 1.32 14.29 0.41
N ILE B 109 1.32 13.73 -0.80
CA ILE B 109 0.38 14.13 -1.80
C ILE B 109 -0.37 12.86 -2.14
N VAL B 110 -1.70 12.93 -2.20
CA VAL B 110 -2.44 11.75 -2.60
C VAL B 110 -3.04 12.10 -3.94
N ALA B 111 -2.74 11.31 -4.95
CA ALA B 111 -3.28 11.57 -6.28
C ALA B 111 -3.96 10.35 -6.84
N SER B 112 -4.78 10.57 -7.86
CA SER B 112 -5.45 9.50 -8.58
C SER B 112 -5.02 9.74 -10.03
N ALA B 113 -5.17 8.73 -10.87
CA ALA B 113 -4.87 8.90 -12.28
C ALA B 113 -5.74 7.95 -13.07
N ASN B 114 -6.03 8.32 -14.31
CA ASN B 114 -6.76 7.44 -15.23
C ASN B 114 -5.67 7.13 -16.25
N LEU B 115 -5.35 5.85 -16.41
CA LEU B 115 -4.33 5.44 -17.38
C LEU B 115 -4.94 5.41 -18.75
N HIS B 116 -6.26 5.25 -18.79
CA HIS B 116 -6.98 5.17 -20.06
C HIS B 116 -6.59 4.01 -20.94
N VAL B 117 -6.30 2.88 -20.29
CA VAL B 117 -6.02 1.60 -20.93
C VAL B 117 -6.53 0.57 -19.96
N ILE B 118 -6.79 -0.64 -20.43
CA ILE B 118 -7.24 -1.68 -19.51
C ILE B 118 -5.97 -2.40 -19.07
N VAL B 119 -5.83 -2.63 -17.77
CA VAL B 119 -4.66 -3.32 -17.24
C VAL B 119 -5.00 -4.78 -16.88
N ASN B 120 -4.16 -5.72 -17.35
CA ASN B 120 -4.32 -7.14 -17.03
C ASN B 120 -3.53 -7.31 -15.72
N LEU B 121 -4.23 -7.28 -14.59
CA LEU B 121 -3.55 -7.39 -13.29
C LEU B 121 -2.89 -8.76 -13.03
N ASP B 122 -3.53 -9.82 -13.51
CA ASP B 122 -3.01 -11.18 -13.33
C ASP B 122 -1.65 -11.29 -14.01
N LYS B 123 -1.54 -10.71 -15.21
CA LYS B 123 -0.28 -10.81 -15.94
C LYS B 123 0.77 -9.88 -15.34
N ALA B 124 0.38 -8.65 -15.00
CA ALA B 124 1.33 -7.72 -14.40
C ALA B 124 1.83 -8.26 -13.05
N ALA B 125 0.95 -8.90 -12.30
CA ALA B 125 1.34 -9.45 -11.01
C ALA B 125 2.58 -10.36 -11.09
N PHE B 126 2.69 -11.19 -12.13
CA PHE B 126 3.84 -12.05 -12.20
C PHE B 126 4.99 -11.53 -13.06
N LEU B 127 4.80 -10.39 -13.70
CA LEU B 127 5.89 -9.87 -14.51
C LEU B 127 6.57 -8.64 -13.87
N LEU B 128 5.89 -8.00 -12.93
CA LEU B 128 6.48 -6.84 -12.25
C LEU B 128 7.04 -7.38 -10.95
N GLU B 129 7.88 -6.61 -10.31
CA GLU B 129 8.39 -7.00 -9.01
C GLU B 129 7.64 -6.15 -7.99
N ASN B 130 8.01 -6.30 -6.72
CA ASN B 130 7.49 -5.47 -5.64
C ASN B 130 5.98 -5.26 -5.59
N ASN B 131 5.20 -6.32 -5.74
CA ASN B 131 3.77 -6.11 -5.73
C ASN B 131 2.94 -7.19 -5.11
N MET B 132 1.69 -6.82 -4.84
CA MET B 132 0.71 -7.73 -4.31
C MET B 132 -0.52 -7.66 -5.22
N TYR B 133 -1.04 -8.82 -5.58
CA TYR B 133 -2.25 -8.92 -6.33
C TYR B 133 -2.94 -10.16 -5.79
N GLU B 134 -3.76 -9.99 -4.77
CA GLU B 134 -4.50 -11.11 -4.14
C GLU B 134 -5.90 -10.50 -4.14
N PRO B 135 -6.63 -10.70 -5.22
CA PRO B 135 -7.97 -10.10 -5.29
C PRO B 135 -8.93 -10.30 -4.13
N GLU B 136 -8.87 -11.46 -3.48
CA GLU B 136 -9.72 -11.72 -2.31
C GLU B 136 -9.42 -10.75 -1.18
N GLN B 137 -8.18 -10.24 -1.12
CA GLN B 137 -7.81 -9.30 -0.05
C GLN B 137 -7.99 -7.82 -0.47
N PHE B 138 -7.70 -7.52 -1.73
CA PHE B 138 -7.83 -6.15 -2.27
C PHE B 138 -7.98 -6.33 -3.77
N PRO B 139 -9.00 -5.71 -4.39
CA PRO B 139 -9.19 -5.87 -5.84
C PRO B 139 -8.13 -5.32 -6.79
N GLY B 140 -7.33 -4.40 -6.32
CA GLY B 140 -6.32 -3.86 -7.21
C GLY B 140 -4.93 -4.46 -6.98
N LEU B 141 -3.98 -4.00 -7.77
CA LEU B 141 -2.61 -4.45 -7.65
C LEU B 141 -1.90 -3.34 -6.86
N ILE B 142 -1.11 -3.72 -5.87
CA ILE B 142 -0.41 -2.71 -5.08
C ILE B 142 1.06 -2.82 -5.47
N TYR B 143 1.65 -1.69 -5.83
CA TYR B 143 3.05 -1.63 -6.25
C TYR B 143 3.86 -0.69 -5.36
N ARG B 144 4.89 -1.20 -4.73
CA ARG B 144 5.72 -0.34 -3.88
C ARG B 144 6.91 0.13 -4.76
N MET B 145 6.88 1.39 -5.15
CA MET B 145 7.91 1.95 -6.03
C MET B 145 9.04 2.58 -5.23
N ASP B 146 10.28 2.47 -5.71
CA ASP B 146 11.41 3.07 -4.97
C ASP B 146 11.78 4.45 -5.49
N GLU B 147 11.70 4.66 -6.80
CA GLU B 147 12.02 5.97 -7.33
C GLU B 147 10.95 6.44 -8.31
N PRO B 148 10.08 7.38 -7.91
CA PRO B 148 10.06 8.00 -6.58
C PRO B 148 9.53 6.98 -5.55
N ARG B 149 9.65 7.31 -4.28
CA ARG B 149 9.22 6.44 -3.20
C ARG B 149 7.70 6.60 -2.97
N VAL B 150 6.91 5.84 -3.70
CA VAL B 150 5.47 5.95 -3.60
C VAL B 150 4.85 4.59 -3.61
N VAL B 151 3.58 4.53 -3.23
CA VAL B 151 2.86 3.27 -3.27
C VAL B 151 1.75 3.50 -4.30
N LEU B 152 1.59 2.55 -5.20
CA LEU B 152 0.58 2.64 -6.23
C LEU B 152 -0.51 1.60 -6.01
N LEU B 153 -1.76 2.00 -6.22
CA LEU B 153 -2.90 1.05 -6.19
C LEU B 153 -3.30 1.11 -7.68
N ILE B 154 -3.33 -0.04 -8.36
CA ILE B 154 -3.70 -0.06 -9.76
C ILE B 154 -4.90 -1.00 -10.01
N PHE B 155 -5.92 -0.49 -10.69
CA PHE B 155 -7.11 -1.28 -10.99
C PHE B 155 -7.13 -1.65 -12.47
N SER B 156 -7.83 -2.73 -12.76
CA SER B 156 -7.87 -3.20 -14.14
C SER B 156 -8.50 -2.15 -15.08
N SER B 157 -9.37 -1.30 -14.55
CA SER B 157 -10.01 -0.27 -15.38
C SER B 157 -9.02 0.81 -15.79
N GLY B 158 -7.82 0.81 -15.23
CA GLY B 158 -6.88 1.88 -15.56
C GLY B 158 -6.86 2.95 -14.48
N LYS B 159 -7.80 2.87 -13.55
CA LYS B 159 -7.83 3.83 -12.46
C LYS B 159 -6.65 3.50 -11.53
N MET B 160 -6.01 4.55 -11.00
CA MET B 160 -4.87 4.38 -10.10
C MET B 160 -4.93 5.35 -8.95
N VAL B 161 -4.29 4.98 -7.84
CA VAL B 161 -4.14 5.87 -6.70
C VAL B 161 -2.62 5.94 -6.46
N ILE B 162 -2.11 7.14 -6.23
CA ILE B 162 -0.69 7.31 -6.00
C ILE B 162 -0.48 8.04 -4.69
N THR B 163 0.26 7.43 -3.77
CA THR B 163 0.50 8.09 -2.50
C THR B 163 1.98 8.01 -2.11
N GLY B 164 2.44 8.95 -1.30
CA GLY B 164 3.84 8.91 -0.87
C GLY B 164 4.70 10.04 -1.41
N ALA B 165 4.29 10.68 -2.48
CA ALA B 165 5.06 11.75 -3.09
C ALA B 165 4.96 13.06 -2.33
N LYS B 166 6.01 13.88 -2.42
CA LYS B 166 6.03 15.18 -1.76
C LYS B 166 6.07 16.29 -2.80
N ARG B 167 6.17 15.92 -4.07
CA ARG B 167 6.20 16.90 -5.15
C ARG B 167 5.28 16.44 -6.26
N GLU B 168 4.60 17.37 -6.90
CA GLU B 168 3.73 16.97 -8.00
C GLU B 168 4.51 16.31 -9.14
N ASP B 169 5.74 16.73 -9.41
CA ASP B 169 6.44 16.06 -10.51
C ASP B 169 6.73 14.59 -10.17
N GLU B 170 6.94 14.26 -8.91
CA GLU B 170 7.18 12.85 -8.55
C GLU B 170 5.92 12.04 -8.88
N VAL B 171 4.76 12.61 -8.60
CA VAL B 171 3.53 11.90 -8.93
C VAL B 171 3.50 11.58 -10.42
N HIS B 172 3.76 12.58 -11.26
CA HIS B 172 3.74 12.36 -12.71
C HIS B 172 4.80 11.38 -13.15
N LYS B 173 5.95 11.46 -12.54
CA LYS B 173 6.98 10.52 -12.90
C LYS B 173 6.53 9.07 -12.63
N ALA B 174 5.97 8.86 -11.45
CA ALA B 174 5.52 7.53 -11.07
C ALA B 174 4.49 6.95 -12.05
N VAL B 175 3.53 7.79 -12.44
CA VAL B 175 2.48 7.33 -13.34
C VAL B 175 3.09 6.94 -14.68
N LYS B 176 3.91 7.82 -15.25
CA LYS B 176 4.53 7.54 -16.55
C LYS B 176 5.37 6.27 -16.47
N LYS B 177 6.11 6.15 -15.38
CA LYS B 177 6.98 4.99 -15.16
C LYS B 177 6.25 3.66 -15.14
N ILE B 178 5.18 3.56 -14.36
CA ILE B 178 4.47 2.30 -14.28
C ILE B 178 3.76 2.03 -15.59
N PHE B 179 3.24 3.08 -16.21
CA PHE B 179 2.57 2.93 -17.50
C PHE B 179 3.58 2.36 -18.53
N ASP B 180 4.76 2.98 -18.65
CA ASP B 180 5.77 2.49 -19.58
C ASP B 180 6.17 1.06 -19.25
N LYS B 181 6.25 0.73 -17.97
CA LYS B 181 6.59 -0.64 -17.62
C LYS B 181 5.49 -1.57 -18.07
N LEU B 182 4.24 -1.20 -17.79
CA LEU B 182 3.14 -2.06 -18.18
C LEU B 182 3.10 -2.28 -19.71
N VAL B 183 3.42 -1.25 -20.48
CA VAL B 183 3.42 -1.38 -21.95
C VAL B 183 4.55 -2.32 -22.34
N GLU B 184 5.74 -2.11 -21.78
CA GLU B 184 6.87 -2.98 -22.07
C GLU B 184 6.59 -4.45 -21.77
N LEU B 185 5.82 -4.72 -20.70
CA LEU B 185 5.47 -6.11 -20.32
C LEU B 185 4.22 -6.61 -21.06
N ASP B 186 3.68 -5.76 -21.95
CA ASP B 186 2.48 -6.11 -22.72
C ASP B 186 1.32 -6.49 -21.78
N CYS B 187 1.06 -5.64 -20.81
CA CYS B 187 0.01 -5.84 -19.82
C CYS B 187 -1.15 -4.86 -19.93
N VAL B 188 -1.16 -4.04 -20.98
CA VAL B 188 -2.26 -3.10 -21.13
C VAL B 188 -2.86 -3.18 -22.52
N LYS B 189 -4.12 -2.78 -22.62
CA LYS B 189 -4.80 -2.82 -23.91
C LYS B 189 -5.59 -1.54 -24.02
N PRO B 190 -5.77 -1.07 -25.25
CA PRO B 190 -6.53 0.17 -25.48
C PRO B 190 -7.97 -0.09 -25.06
N VAL B 191 -8.67 0.95 -24.67
CA VAL B 191 -10.06 0.81 -24.28
C VAL B 191 -10.82 0.63 -25.59
#